data_8QUJ
#
_entry.id   8QUJ
#
_cell.length_a   90.685
_cell.length_b   90.685
_cell.length_c   56.763
_cell.angle_alpha   90.00
_cell.angle_beta   90.00
_cell.angle_gamma   120.00
#
_symmetry.space_group_name_H-M   'P 6'
#
loop_
_entity.id
_entity.type
_entity.pdbx_description
1 polymer 'Spacer peptide 1'
2 non-polymer 1,2-ETHANEDIOL
3 non-polymer 3-(phenylmethyl)-1~{H}-imidazol-2-one
4 water water
#
_entity_poly.entity_id   1
_entity_poly.type   'polypeptide(L)'
_entity_poly.pdbx_seq_one_letter_code
;PIVQNLQGQMVHQCISPRTLNAWVKVVEEKAFSPEVIPMFSALSCGATPQDLNTMLNTVGGHQAAMQMLKETINEEAAEW
DRLHPVHAGPIAPGQMREPRGSDIAGTTSTLQEQIGWMTHNPPIPVGEIYKRWIILGLNKIVRMYSPTSILDIRQGPKEP
FRDYVDRFYKTLRAEQASQEVKNAATETLLVQNANPDCKTILKALGPGATLEEMMTACQGVGGPGHKARVL
;
_entity_poly.pdbx_strand_id   A
#
# COMPACT_ATOMS: atom_id res chain seq x y z
N PRO A 1 -2.78 -14.61 11.07
CA PRO A 1 -2.37 -14.94 9.67
C PRO A 1 -2.46 -16.44 9.44
N ILE A 2 -2.32 -16.87 8.20
CA ILE A 2 -2.21 -18.30 7.81
C ILE A 2 -0.73 -18.49 7.47
N VAL A 3 -0.18 -19.51 8.17
N VAL A 3 0.02 -19.34 8.10
CA VAL A 3 1.21 -20.09 8.15
CA VAL A 3 1.43 -19.43 7.67
C VAL A 3 1.17 -21.61 7.93
C VAL A 3 1.79 -20.90 7.53
N GLN A 4 2.30 -22.17 7.52
N GLN A 4 2.97 -21.19 6.97
CA GLN A 4 2.48 -23.64 7.32
CA GLN A 4 3.55 -22.55 7.00
C GLN A 4 3.09 -24.23 8.59
C GLN A 4 3.93 -22.87 8.44
N ASN A 5 2.64 -25.43 9.00
N ASN A 5 3.50 -24.01 8.98
CA ASN A 5 3.22 -26.20 10.14
CA ASN A 5 4.06 -24.49 10.27
C ASN A 5 4.07 -27.35 9.60
C ASN A 5 5.48 -25.05 9.97
N LEU A 6 4.36 -28.38 10.41
N LEU A 6 6.06 -25.84 10.87
CA LEU A 6 5.35 -29.44 10.07
CA LEU A 6 7.43 -26.39 10.66
C LEU A 6 4.72 -30.61 9.28
C LEU A 6 7.37 -27.71 9.88
N GLN A 7 3.40 -30.80 9.39
N GLN A 7 6.14 -28.10 9.50
CA GLN A 7 2.63 -31.82 8.61
CA GLN A 7 5.75 -29.43 8.94
C GLN A 7 2.44 -31.33 7.16
C GLN A 7 5.09 -29.24 7.56
N GLY A 8 2.81 -30.08 6.89
N GLY A 8 5.14 -28.05 6.98
CA GLY A 8 2.63 -29.44 5.58
CA GLY A 8 4.68 -27.74 5.61
C GLY A 8 1.26 -28.81 5.41
C GLY A 8 3.16 -27.72 5.45
N GLN A 9 0.62 -28.44 6.52
N GLN A 9 2.41 -27.36 6.48
CA GLN A 9 -0.73 -27.81 6.49
CA GLN A 9 0.93 -27.26 6.38
C GLN A 9 -0.61 -26.33 6.84
C GLN A 9 0.48 -25.84 6.76
N MET A 10 -1.24 -25.47 6.03
N MET A 10 -0.66 -25.43 6.19
CA MET A 10 -1.32 -24.01 6.30
CA MET A 10 -1.27 -24.07 6.32
C MET A 10 -2.37 -23.85 7.39
C MET A 10 -2.26 -24.05 7.49
N VAL A 11 -1.97 -23.23 8.51
CA VAL A 11 -2.82 -23.15 9.71
C VAL A 11 -2.88 -21.70 10.18
N HIS A 12 -3.90 -21.43 10.97
CA HIS A 12 -4.11 -20.09 11.53
C HIS A 12 -3.12 -19.93 12.68
N GLN A 13 -2.55 -18.73 12.80
CA GLN A 13 -1.78 -18.32 14.01
C GLN A 13 -2.26 -16.93 14.37
N CYS A 14 -2.34 -16.65 15.66
CA CYS A 14 -2.75 -15.33 16.19
C CYS A 14 -1.78 -14.28 15.64
N ILE A 15 -2.32 -13.13 15.32
CA ILE A 15 -1.51 -11.91 15.10
C ILE A 15 -0.70 -11.61 16.35
N SER A 16 0.58 -11.27 16.17
CA SER A 16 1.52 -11.14 17.32
C SER A 16 1.44 -9.73 17.89
N PRO A 17 1.70 -9.59 19.19
CA PRO A 17 1.79 -8.27 19.80
C PRO A 17 2.82 -7.43 19.05
N ARG A 18 3.89 -8.03 18.61
CA ARG A 18 4.96 -7.29 17.90
C ARG A 18 4.38 -6.69 16.61
N THR A 19 3.62 -7.47 15.85
CA THR A 19 2.99 -6.96 14.60
C THR A 19 1.99 -5.83 14.93
N LEU A 20 1.14 -6.04 15.93
CA LEU A 20 0.07 -5.08 16.31
C LEU A 20 0.71 -3.75 16.66
N ASN A 21 1.74 -3.80 17.49
CA ASN A 21 2.41 -2.60 18.00
C ASN A 21 3.17 -1.93 16.83
N ALA A 22 3.85 -2.71 15.98
CA ALA A 22 4.60 -2.14 14.84
C ALA A 22 3.69 -1.26 13.97
N TRP A 23 2.50 -1.77 13.66
CA TRP A 23 1.58 -1.05 12.77
C TRP A 23 1.06 0.21 13.45
N VAL A 24 0.57 0.09 14.68
CA VAL A 24 0.03 1.29 15.37
C VAL A 24 1.14 2.34 15.44
N LYS A 25 2.37 1.94 15.72
CA LYS A 25 3.49 2.90 15.90
C LYS A 25 3.88 3.52 14.56
N VAL A 26 3.89 2.76 13.48
CA VAL A 26 4.26 3.40 12.18
C VAL A 26 3.20 4.43 11.78
N VAL A 27 1.92 4.19 12.07
CA VAL A 27 0.86 5.17 11.75
C VAL A 27 1.04 6.36 12.69
N GLU A 28 1.38 6.13 13.96
CA GLU A 28 1.58 7.27 14.89
C GLU A 28 2.75 8.16 14.41
N GLU A 29 3.81 7.54 13.93
CA GLU A 29 5.06 8.29 13.62
C GLU A 29 5.01 8.88 12.20
N LYS A 30 4.38 8.21 11.23
CA LYS A 30 4.55 8.56 9.78
C LYS A 30 3.21 8.98 9.14
N ALA A 31 2.11 8.79 9.83
CA ALA A 31 0.81 9.09 9.26
C ALA A 31 0.66 8.41 7.90
N PHE A 32 0.34 9.17 6.85
CA PHE A 32 0.13 8.59 5.51
C PHE A 32 1.22 9.04 4.56
N SER A 33 2.45 9.12 5.08
N SER A 33 2.46 9.14 5.05
CA SER A 33 3.67 9.14 4.23
CA SER A 33 3.65 9.23 4.16
C SER A 33 3.58 7.91 3.32
C SER A 33 3.66 7.94 3.35
N PRO A 34 4.00 8.02 2.04
CA PRO A 34 3.87 6.90 1.12
C PRO A 34 4.51 5.60 1.62
N GLU A 35 5.62 5.68 2.34
CA GLU A 35 6.36 4.47 2.79
C GLU A 35 5.54 3.71 3.83
N VAL A 36 4.40 4.22 4.28
CA VAL A 36 3.57 3.49 5.28
C VAL A 36 2.90 2.32 4.57
N ILE A 37 2.68 2.43 3.28
N ILE A 37 2.62 2.44 3.28
CA ILE A 37 1.87 1.42 2.54
CA ILE A 37 1.86 1.43 2.50
C ILE A 37 2.68 0.15 2.36
C ILE A 37 2.68 0.15 2.37
N PRO A 38 3.92 0.15 1.83
CA PRO A 38 4.72 -1.09 1.82
C PRO A 38 4.88 -1.67 3.22
N MET A 39 4.94 -0.86 4.26
CA MET A 39 5.05 -1.35 5.65
C MET A 39 3.75 -2.12 6.01
N PHE A 40 2.59 -1.56 5.66
CA PHE A 40 1.29 -2.19 5.93
C PHE A 40 1.29 -3.53 5.21
N SER A 41 1.71 -3.52 3.95
CA SER A 41 1.67 -4.76 3.13
C SER A 41 2.50 -5.84 3.80
N ALA A 42 3.69 -5.49 4.27
CA ALA A 42 4.65 -6.45 4.84
C ALA A 42 4.19 -6.90 6.23
N LEU A 43 3.65 -5.99 7.03
CA LEU A 43 3.18 -6.36 8.39
C LEU A 43 1.94 -7.27 8.28
N SER A 44 1.22 -7.20 7.16
CA SER A 44 -0.02 -7.99 6.94
C SER A 44 0.26 -9.23 6.08
N CYS A 45 1.51 -9.66 5.98
CA CYS A 45 1.88 -10.91 5.27
C CYS A 45 1.06 -12.07 5.86
N GLY A 46 0.33 -12.78 5.01
CA GLY A 46 -0.46 -13.95 5.41
C GLY A 46 -1.80 -13.60 6.07
N ALA A 47 -2.16 -12.33 6.17
CA ALA A 47 -3.32 -11.90 6.96
C ALA A 47 -4.62 -12.46 6.41
N THR A 48 -5.48 -12.91 7.33
CA THR A 48 -6.93 -13.06 7.07
C THR A 48 -7.59 -11.70 6.99
N PRO A 49 -8.81 -11.63 6.40
CA PRO A 49 -9.62 -10.41 6.46
C PRO A 49 -9.79 -9.98 7.92
N GLN A 50 -10.03 -10.91 8.83
CA GLN A 50 -10.10 -10.53 10.29
C GLN A 50 -8.84 -9.75 10.71
N ASP A 51 -7.67 -10.26 10.37
CA ASP A 51 -6.39 -9.61 10.75
C ASP A 51 -6.27 -8.23 10.09
N LEU A 52 -6.72 -8.10 8.83
CA LEU A 52 -6.62 -6.78 8.19
C LEU A 52 -7.53 -5.80 8.92
N ASN A 53 -8.76 -6.22 9.27
CA ASN A 53 -9.66 -5.32 10.04
C ASN A 53 -9.07 -5.01 11.41
N THR A 54 -8.44 -5.96 12.07
CA THR A 54 -7.78 -5.70 13.37
C THR A 54 -6.78 -4.57 13.16
N MET A 55 -5.91 -4.71 12.15
CA MET A 55 -4.86 -3.70 11.98
C MET A 55 -5.52 -2.34 11.75
N LEU A 56 -6.48 -2.24 10.83
CA LEU A 56 -7.09 -0.91 10.55
C LEU A 56 -7.81 -0.36 11.78
N ASN A 57 -8.51 -1.22 12.54
CA ASN A 57 -9.36 -0.83 13.68
C ASN A 57 -8.48 -0.42 14.88
N THR A 58 -7.23 -0.87 14.99
CA THR A 58 -6.35 -0.55 16.14
C THR A 58 -5.82 0.87 15.98
N VAL A 59 -6.00 1.48 14.79
CA VAL A 59 -5.61 2.90 14.59
C VAL A 59 -6.61 3.79 15.33
N GLY A 60 -6.07 4.67 16.15
CA GLY A 60 -6.87 5.60 16.97
C GLY A 60 -7.12 6.95 16.28
N GLY A 61 -6.15 7.47 15.60
CA GLY A 61 -6.42 8.79 14.97
C GLY A 61 -6.95 8.63 13.56
N HIS A 62 -6.83 9.68 12.78
CA HIS A 62 -6.98 9.62 11.30
C HIS A 62 -8.35 9.06 10.93
N GLN A 63 -9.42 9.35 11.68
CA GLN A 63 -10.72 8.72 11.41
C GLN A 63 -11.33 9.26 10.10
N ALA A 64 -10.97 10.46 9.63
CA ALA A 64 -11.40 10.90 8.27
C ALA A 64 -10.88 9.90 7.22
N ALA A 65 -9.60 9.58 7.30
CA ALA A 65 -8.94 8.61 6.41
C ALA A 65 -9.63 7.27 6.57
N MET A 66 -9.88 6.86 7.81
CA MET A 66 -10.45 5.50 7.99
C MET A 66 -11.87 5.43 7.39
N GLN A 67 -12.63 6.53 7.46
N GLN A 67 -12.63 6.53 7.45
CA GLN A 67 -13.99 6.58 6.82
CA GLN A 67 -13.99 6.55 6.83
C GLN A 67 -13.84 6.56 5.29
C GLN A 67 -13.84 6.52 5.30
N MET A 68 -12.87 7.26 4.71
N MET A 68 -12.88 7.28 4.76
CA MET A 68 -12.66 7.23 3.24
CA MET A 68 -12.57 7.30 3.31
C MET A 68 -12.29 5.80 2.83
C MET A 68 -12.27 5.87 2.86
N LEU A 69 -11.45 5.14 3.64
CA LEU A 69 -11.00 3.78 3.35
C LEU A 69 -12.23 2.86 3.32
N LYS A 70 -13.14 2.99 4.27
CA LYS A 70 -14.38 2.17 4.26
C LYS A 70 -15.18 2.41 2.99
N GLU A 71 -15.22 3.66 2.54
CA GLU A 71 -15.96 4.01 1.30
C GLU A 71 -15.30 3.28 0.12
N THR A 72 -13.96 3.28 0.03
CA THR A 72 -13.25 2.59 -1.06
C THR A 72 -13.57 1.09 -0.98
N ILE A 73 -13.48 0.52 0.22
CA ILE A 73 -13.69 -0.95 0.37
C ILE A 73 -15.10 -1.25 -0.11
N ASN A 74 -16.06 -0.41 0.24
CA ASN A 74 -17.47 -0.66 -0.18
C ASN A 74 -17.61 -0.60 -1.70
N GLU A 75 -16.88 0.28 -2.37
CA GLU A 75 -16.90 0.39 -3.85
C GLU A 75 -16.35 -0.90 -4.45
N GLU A 76 -15.26 -1.42 -3.87
CA GLU A 76 -14.61 -2.62 -4.41
C GLU A 76 -15.51 -3.81 -4.13
N ALA A 77 -16.14 -3.85 -2.96
CA ALA A 77 -17.01 -4.99 -2.58
C ALA A 77 -18.16 -5.03 -3.60
N ALA A 78 -18.65 -3.86 -3.94
CA ALA A 78 -19.84 -3.74 -4.83
C ALA A 78 -19.46 -4.23 -6.21
N GLU A 79 -18.23 -3.93 -6.68
CA GLU A 79 -17.72 -4.40 -7.99
C GLU A 79 -17.49 -5.92 -7.94
N TRP A 80 -16.93 -6.44 -6.85
CA TRP A 80 -16.82 -7.91 -6.66
C TRP A 80 -18.22 -8.55 -6.84
N ASP A 81 -19.25 -8.02 -6.18
CA ASP A 81 -20.60 -8.67 -6.21
C ASP A 81 -21.16 -8.62 -7.63
N ARG A 82 -20.82 -7.59 -8.40
CA ARG A 82 -21.20 -7.48 -9.84
C ARG A 82 -20.56 -8.61 -10.64
N LEU A 83 -19.25 -8.85 -10.43
CA LEU A 83 -18.45 -9.86 -11.17
C LEU A 83 -18.78 -11.28 -10.73
N HIS A 84 -19.13 -11.49 -9.46
CA HIS A 84 -19.18 -12.81 -8.79
C HIS A 84 -20.41 -12.92 -7.92
N PRO A 85 -21.61 -12.90 -8.51
CA PRO A 85 -22.85 -13.04 -7.72
C PRO A 85 -22.89 -14.45 -7.10
N VAL A 86 -23.50 -14.57 -5.92
CA VAL A 86 -23.51 -15.83 -5.10
C VAL A 86 -24.94 -16.38 -5.09
N HIS A 87 -25.13 -17.69 -4.99
CA HIS A 87 -26.48 -18.31 -4.92
C HIS A 87 -27.18 -17.83 -3.65
N ALA A 88 -28.44 -17.42 -3.75
CA ALA A 88 -29.32 -17.20 -2.59
C ALA A 88 -29.79 -18.57 -2.08
N GLY A 89 -30.21 -18.63 -0.82
CA GLY A 89 -30.79 -19.85 -0.23
C GLY A 89 -29.73 -20.82 0.28
N PRO A 90 -30.15 -22.00 0.77
CA PRO A 90 -29.39 -22.70 1.80
C PRO A 90 -28.06 -23.31 1.31
N ILE A 91 -27.06 -23.28 2.19
CA ILE A 91 -25.71 -23.87 1.92
C ILE A 91 -25.90 -25.38 1.75
N ALA A 92 -25.23 -25.99 0.79
CA ALA A 92 -25.06 -27.47 0.79
C ALA A 92 -24.48 -27.89 2.15
N PRO A 93 -25.13 -28.79 2.93
CA PRO A 93 -24.58 -29.24 4.22
C PRO A 93 -23.11 -29.67 4.20
N GLY A 94 -22.35 -29.04 5.11
CA GLY A 94 -20.92 -29.28 5.30
C GLY A 94 -20.04 -28.67 4.21
N GLN A 95 -20.59 -27.99 3.20
CA GLN A 95 -19.80 -27.52 2.04
C GLN A 95 -19.49 -26.01 2.23
N MET A 96 -18.52 -25.54 1.49
CA MET A 96 -18.00 -24.16 1.44
C MET A 96 -18.97 -23.26 0.65
N ARG A 97 -19.42 -22.14 1.21
CA ARG A 97 -20.27 -21.15 0.47
C ARG A 97 -19.32 -20.21 -0.27
N GLU A 98 -19.79 -19.57 -1.34
CA GLU A 98 -18.97 -18.61 -2.13
C GLU A 98 -18.95 -17.28 -1.40
N PRO A 99 -17.78 -16.61 -1.36
CA PRO A 99 -17.72 -15.31 -0.70
C PRO A 99 -18.32 -14.19 -1.55
N ARG A 100 -19.01 -13.31 -0.84
CA ARG A 100 -19.54 -12.01 -1.29
C ARG A 100 -18.52 -10.94 -0.92
N GLY A 101 -18.68 -9.75 -1.46
CA GLY A 101 -17.74 -8.65 -1.17
C GLY A 101 -17.60 -8.42 0.32
N SER A 102 -18.70 -8.42 1.09
CA SER A 102 -18.65 -8.20 2.55
C SER A 102 -17.99 -9.39 3.26
N ASP A 103 -17.97 -10.58 2.66
CA ASP A 103 -17.27 -11.74 3.25
C ASP A 103 -15.75 -11.52 3.10
N ILE A 104 -15.34 -11.06 1.92
CA ILE A 104 -13.93 -10.76 1.63
C ILE A 104 -13.46 -9.69 2.60
N ALA A 105 -14.31 -8.71 2.87
CA ALA A 105 -13.92 -7.58 3.74
C ALA A 105 -14.06 -7.97 5.22
N GLY A 106 -14.48 -9.19 5.54
CA GLY A 106 -14.46 -9.71 6.92
C GLY A 106 -15.63 -9.24 7.77
N THR A 107 -16.64 -8.56 7.22
CA THR A 107 -17.75 -8.00 8.05
C THR A 107 -18.92 -9.00 8.14
N THR A 108 -19.05 -9.93 7.20
CA THR A 108 -20.17 -10.90 7.18
C THR A 108 -19.65 -12.32 7.12
N SER A 109 -18.35 -12.52 7.24
CA SER A 109 -17.73 -13.88 7.26
C SER A 109 -17.08 -14.14 8.62
N THR A 110 -17.05 -15.40 9.03
CA THR A 110 -16.38 -15.84 10.27
C THR A 110 -14.91 -16.12 9.97
N LEU A 111 -14.11 -16.15 11.03
CA LEU A 111 -12.69 -16.51 10.89
C LEU A 111 -12.62 -17.92 10.29
N GLN A 112 -13.47 -18.83 10.77
CA GLN A 112 -13.51 -20.20 10.25
C GLN A 112 -13.80 -20.20 8.75
N GLU A 113 -14.78 -19.44 8.29
CA GLU A 113 -15.04 -19.33 6.83
C GLU A 113 -13.79 -18.81 6.10
N GLN A 114 -13.19 -17.74 6.60
CA GLN A 114 -11.98 -17.16 5.98
C GLN A 114 -10.87 -18.21 5.84
N ILE A 115 -10.60 -18.96 6.90
CA ILE A 115 -9.56 -20.02 6.90
C ILE A 115 -9.93 -21.04 5.83
N GLY A 116 -11.20 -21.44 5.84
CA GLY A 116 -11.73 -22.42 4.85
C GLY A 116 -11.41 -21.99 3.45
N TRP A 117 -11.68 -20.72 3.12
CA TRP A 117 -11.40 -20.19 1.76
C TRP A 117 -9.88 -20.17 1.50
N MET A 118 -9.10 -19.64 2.44
CA MET A 118 -7.68 -19.36 2.22
C MET A 118 -6.87 -20.67 2.11
N THR A 119 -7.40 -21.77 2.63
CA THR A 119 -6.72 -23.09 2.75
C THR A 119 -7.40 -24.12 1.84
N HIS A 120 -8.49 -23.75 1.17
CA HIS A 120 -9.08 -24.59 0.07
C HIS A 120 -7.99 -24.97 -0.95
N ASN A 121 -8.14 -26.13 -1.60
CA ASN A 121 -7.27 -26.52 -2.75
C ASN A 121 -8.10 -26.39 -4.03
N PRO A 122 -7.90 -25.31 -4.83
CA PRO A 122 -6.87 -24.30 -4.59
C PRO A 122 -7.39 -23.12 -3.76
N PRO A 123 -6.52 -22.30 -3.15
CA PRO A 123 -7.00 -21.19 -2.32
C PRO A 123 -7.97 -20.25 -3.05
N ILE A 124 -8.98 -19.80 -2.31
CA ILE A 124 -9.76 -18.59 -2.64
C ILE A 124 -9.18 -17.50 -1.75
N PRO A 125 -8.29 -16.65 -2.31
CA PRO A 125 -7.38 -15.86 -1.51
C PRO A 125 -8.02 -14.59 -0.96
N VAL A 126 -8.97 -14.74 -0.04
CA VAL A 126 -9.82 -13.60 0.42
C VAL A 126 -8.92 -12.58 1.12
N GLY A 127 -7.89 -13.03 1.82
CA GLY A 127 -6.95 -12.10 2.47
C GLY A 127 -6.25 -11.24 1.41
N GLU A 128 -5.77 -11.84 0.35
CA GLU A 128 -5.01 -11.08 -0.71
C GLU A 128 -5.99 -10.16 -1.47
N ILE A 129 -7.20 -10.62 -1.75
CA ILE A 129 -8.19 -9.79 -2.49
C ILE A 129 -8.49 -8.56 -1.64
N TYR A 130 -8.77 -8.78 -0.35
CA TYR A 130 -9.13 -7.65 0.56
C TYR A 130 -7.93 -6.74 0.71
N LYS A 131 -6.72 -7.28 0.84
CA LYS A 131 -5.53 -6.41 0.98
C LYS A 131 -5.37 -5.49 -0.23
N ARG A 132 -5.64 -6.01 -1.44
N ARG A 132 -5.65 -5.97 -1.45
CA ARG A 132 -5.63 -5.20 -2.70
CA ARG A 132 -5.54 -5.10 -2.66
C ARG A 132 -6.58 -4.00 -2.56
C ARG A 132 -6.58 -3.96 -2.57
N TRP A 133 -7.81 -4.22 -2.08
CA TRP A 133 -8.84 -3.15 -1.92
C TRP A 133 -8.31 -2.13 -0.93
N ILE A 134 -7.74 -2.63 0.17
CA ILE A 134 -7.28 -1.72 1.24
C ILE A 134 -6.15 -0.85 0.72
N ILE A 135 -5.20 -1.42 0.03
CA ILE A 135 -4.06 -0.68 -0.53
C ILE A 135 -4.54 0.31 -1.61
N LEU A 136 -5.56 -0.03 -2.35
CA LEU A 136 -6.13 0.90 -3.28
C LEU A 136 -6.65 2.10 -2.48
N GLY A 137 -7.34 1.84 -1.38
CA GLY A 137 -7.86 2.92 -0.53
C GLY A 137 -6.76 3.73 0.09
N LEU A 138 -5.74 3.07 0.63
CA LEU A 138 -4.63 3.78 1.30
C LEU A 138 -3.87 4.69 0.29
N ASN A 139 -3.73 4.24 -0.94
CA ASN A 139 -3.03 5.05 -1.99
C ASN A 139 -3.81 6.33 -2.25
N LYS A 140 -5.12 6.27 -2.21
CA LYS A 140 -5.96 7.47 -2.38
C LYS A 140 -5.70 8.40 -1.24
N ILE A 141 -5.59 7.86 -0.01
CA ILE A 141 -5.35 8.65 1.22
C ILE A 141 -3.99 9.31 1.09
N VAL A 142 -2.97 8.56 0.70
CA VAL A 142 -1.60 9.13 0.55
C VAL A 142 -1.67 10.33 -0.42
N ARG A 143 -2.39 10.19 -1.53
CA ARG A 143 -2.46 11.27 -2.56
C ARG A 143 -3.18 12.48 -1.94
N MET A 144 -4.26 12.22 -1.22
CA MET A 144 -5.10 13.28 -0.60
C MET A 144 -4.22 14.09 0.36
N TYR A 145 -3.39 13.42 1.15
CA TYR A 145 -2.62 14.04 2.26
C TYR A 145 -1.25 14.58 1.80
N SER A 146 -0.90 14.31 0.56
CA SER A 146 0.34 14.90 -0.05
C SER A 146 0.19 16.41 0.08
N PRO A 147 1.08 17.11 0.79
CA PRO A 147 0.85 18.54 1.01
C PRO A 147 1.19 19.49 -0.15
N THR A 148 2.03 19.06 -1.09
CA THR A 148 2.74 19.99 -2.07
C THR A 148 2.73 19.43 -3.48
N SER A 149 2.36 20.27 -4.45
CA SER A 149 2.48 19.99 -5.89
C SER A 149 3.98 19.91 -6.25
N ILE A 150 4.32 19.06 -7.19
CA ILE A 150 5.69 18.99 -7.75
C ILE A 150 6.06 20.34 -8.38
N LEU A 151 5.09 21.14 -8.83
CA LEU A 151 5.40 22.44 -9.48
C LEU A 151 6.02 23.38 -8.47
N ASP A 152 5.78 23.15 -7.17
CA ASP A 152 6.28 24.07 -6.13
C ASP A 152 7.55 23.53 -5.48
N ILE A 153 8.10 22.41 -5.96
CA ILE A 153 9.43 21.98 -5.49
C ILE A 153 10.50 22.54 -6.40
N ARG A 154 11.14 23.61 -5.92
CA ARG A 154 12.20 24.32 -6.66
C ARG A 154 13.43 24.47 -5.77
N GLN A 155 14.63 24.32 -6.35
CA GLN A 155 15.90 24.32 -5.62
C GLN A 155 16.15 25.75 -5.11
N GLY A 156 16.37 25.85 -3.82
CA GLY A 156 16.76 27.12 -3.20
C GLY A 156 18.12 27.55 -3.74
N PRO A 157 18.40 28.86 -3.75
CA PRO A 157 19.72 29.34 -4.16
C PRO A 157 20.97 28.81 -3.41
N LYS A 158 20.88 28.39 -2.15
CA LYS A 158 22.02 27.79 -1.41
C LYS A 158 21.67 26.35 -1.01
N GLU A 159 20.64 25.79 -1.62
CA GLU A 159 20.20 24.40 -1.34
C GLU A 159 21.06 23.46 -2.15
N PRO A 160 21.72 22.52 -1.48
CA PRO A 160 22.48 21.46 -2.14
C PRO A 160 21.54 20.73 -3.10
N PHE A 161 22.03 20.47 -4.29
CA PHE A 161 21.22 19.78 -5.33
C PHE A 161 20.67 18.46 -4.80
N ARG A 162 21.45 17.72 -4.04
CA ARG A 162 20.97 16.43 -3.49
C ARG A 162 19.73 16.64 -2.60
N ASP A 163 19.70 17.69 -1.79
CA ASP A 163 18.59 17.93 -0.86
C ASP A 163 17.37 18.30 -1.70
N TYR A 164 17.56 19.05 -2.79
CA TYR A 164 16.46 19.40 -3.70
C TYR A 164 15.90 18.14 -4.39
N VAL A 165 16.79 17.30 -4.89
CA VAL A 165 16.33 16.07 -5.55
C VAL A 165 15.58 15.19 -4.56
N ASP A 166 16.02 15.10 -3.32
CA ASP A 166 15.30 14.33 -2.29
C ASP A 166 13.88 14.90 -2.15
N ARG A 167 13.73 16.23 -2.04
CA ARG A 167 12.40 16.83 -1.90
C ARG A 167 11.54 16.52 -3.13
N PHE A 168 12.14 16.63 -4.31
CA PHE A 168 11.45 16.46 -5.60
C PHE A 168 10.87 15.05 -5.66
N TYR A 169 11.71 14.05 -5.47
CA TYR A 169 11.23 12.66 -5.61
C TYR A 169 10.37 12.24 -4.42
N LYS A 170 10.53 12.82 -3.23
CA LYS A 170 9.63 12.55 -2.07
C LYS A 170 8.24 13.04 -2.48
N THR A 171 8.18 14.24 -3.07
CA THR A 171 6.92 14.85 -3.56
C THR A 171 6.29 13.99 -4.66
N LEU A 172 7.04 13.57 -5.69
CA LEU A 172 6.48 12.79 -6.82
C LEU A 172 5.94 11.49 -6.24
N ARG A 173 6.60 10.96 -5.23
CA ARG A 173 6.13 9.66 -4.68
C ARG A 173 4.74 9.86 -4.03
N ALA A 174 4.55 10.92 -3.23
CA ALA A 174 3.28 11.16 -2.49
C ALA A 174 2.18 11.53 -3.49
N GLU A 175 2.54 12.28 -4.55
CA GLU A 175 1.59 12.77 -5.60
C GLU A 175 1.20 11.59 -6.51
N GLN A 176 1.97 10.51 -6.46
CA GLN A 176 1.75 9.15 -7.03
C GLN A 176 1.92 9.18 -8.53
N ALA A 177 3.00 9.84 -8.94
CA ALA A 177 3.56 9.77 -10.32
C ALA A 177 3.92 8.31 -10.63
N SER A 178 3.59 7.85 -11.85
CA SER A 178 4.05 6.55 -12.43
C SER A 178 5.57 6.52 -12.47
N GLN A 179 6.16 5.32 -12.55
CA GLN A 179 7.63 5.16 -12.64
C GLN A 179 8.14 5.82 -13.93
N GLU A 180 7.34 5.76 -15.01
CA GLU A 180 7.63 6.35 -16.35
C GLU A 180 7.88 7.85 -16.20
N VAL A 181 7.03 8.52 -15.42
CA VAL A 181 7.12 9.99 -15.17
C VAL A 181 8.33 10.27 -14.27
N LYS A 182 8.53 9.49 -13.19
CA LYS A 182 9.71 9.60 -12.28
C LYS A 182 11.02 9.43 -13.09
N ASN A 183 11.08 8.44 -13.98
CA ASN A 183 12.23 8.17 -14.89
C ASN A 183 12.46 9.38 -15.82
N ALA A 184 11.40 9.92 -16.44
CA ALA A 184 11.44 10.98 -17.48
C ALA A 184 11.57 12.40 -16.91
N ALA A 185 11.25 12.62 -15.62
CA ALA A 185 11.27 13.97 -15.02
C ALA A 185 12.72 14.48 -14.93
N THR A 186 13.70 13.56 -14.99
CA THR A 186 15.16 13.84 -14.85
C THR A 186 15.62 14.80 -15.96
N GLU A 187 15.00 14.70 -17.14
CA GLU A 187 15.31 15.56 -18.31
C GLU A 187 14.09 16.44 -18.61
N THR A 188 13.35 16.88 -17.59
CA THR A 188 12.36 17.96 -17.75
C THR A 188 12.28 18.78 -16.48
N LEU A 189 11.29 18.44 -15.66
CA LEU A 189 10.88 19.35 -14.58
C LEU A 189 12.04 19.44 -13.58
N LEU A 190 12.80 18.37 -13.38
CA LEU A 190 13.90 18.39 -12.37
C LEU A 190 14.91 19.47 -12.76
N VAL A 191 15.25 19.59 -14.05
CA VAL A 191 16.16 20.67 -14.53
C VAL A 191 15.45 22.03 -14.43
N GLN A 192 14.20 22.14 -14.89
CA GLN A 192 13.51 23.45 -14.91
C GLN A 192 13.45 24.05 -13.50
N ASN A 193 13.22 23.19 -12.50
CA ASN A 193 13.02 23.59 -11.10
C ASN A 193 14.34 23.76 -10.32
N ALA A 194 15.49 23.51 -10.95
CA ALA A 194 16.81 23.67 -10.35
C ALA A 194 17.14 25.16 -10.28
N ASN A 195 18.07 25.54 -9.43
CA ASN A 195 18.49 26.97 -9.29
C ASN A 195 19.28 27.35 -10.54
N PRO A 196 19.50 28.65 -10.80
CA PRO A 196 20.20 29.07 -12.03
C PRO A 196 21.56 28.43 -12.27
N ASP A 197 22.42 28.39 -11.25
CA ASP A 197 23.80 27.84 -11.34
C ASP A 197 23.74 26.36 -11.73
N CYS A 198 22.89 25.57 -11.09
N CYS A 198 22.89 25.55 -11.07
CA CYS A 198 22.78 24.13 -11.40
CA CYS A 198 22.76 24.11 -11.41
C CYS A 198 22.10 23.93 -12.76
C CYS A 198 22.11 23.95 -12.79
N LYS A 199 21.07 24.73 -13.09
CA LYS A 199 20.31 24.61 -14.36
C LYS A 199 21.28 24.80 -15.55
N THR A 200 22.17 25.79 -15.45
CA THR A 200 23.22 26.05 -16.45
C THR A 200 24.08 24.81 -16.64
N ILE A 201 24.57 24.22 -15.56
CA ILE A 201 25.42 23.00 -15.58
C ILE A 201 24.61 21.85 -16.19
N LEU A 202 23.34 21.67 -15.82
CA LEU A 202 22.53 20.53 -16.30
C LEU A 202 22.18 20.73 -17.79
N LYS A 203 21.82 21.96 -18.17
CA LYS A 203 21.48 22.34 -19.57
C LYS A 203 22.63 21.90 -20.50
N ALA A 204 23.86 22.08 -20.05
CA ALA A 204 25.11 21.80 -20.80
C ALA A 204 25.42 20.31 -20.88
N LEU A 205 25.01 19.49 -19.90
CA LEU A 205 25.30 18.03 -19.89
C LEU A 205 24.80 17.41 -21.21
N GLY A 206 23.68 17.95 -21.74
CA GLY A 206 22.97 17.42 -22.90
C GLY A 206 21.82 16.52 -22.47
N PRO A 207 21.05 15.95 -23.42
CA PRO A 207 20.05 14.94 -23.08
C PRO A 207 20.77 13.62 -22.79
N GLY A 208 20.07 12.67 -22.16
CA GLY A 208 20.52 11.29 -21.90
C GLY A 208 21.22 11.14 -20.55
N ALA A 209 21.37 12.24 -19.80
CA ALA A 209 22.08 12.27 -18.50
C ALA A 209 21.39 11.36 -17.47
N THR A 210 22.12 10.48 -16.79
CA THR A 210 21.60 9.67 -15.66
C THR A 210 21.37 10.62 -14.49
N LEU A 211 20.57 10.24 -13.50
CA LEU A 211 20.39 11.07 -12.29
C LEU A 211 21.74 11.18 -11.58
N GLU A 212 22.52 10.09 -11.53
CA GLU A 212 23.86 10.00 -10.89
C GLU A 212 24.77 11.07 -11.53
N GLU A 213 24.66 11.23 -12.84
CA GLU A 213 25.52 12.14 -13.63
C GLU A 213 25.08 13.58 -13.31
N MET A 214 23.77 13.80 -13.20
CA MET A 214 23.24 15.16 -12.89
C MET A 214 23.63 15.53 -11.47
N MET A 215 23.51 14.58 -10.56
CA MET A 215 23.89 14.81 -9.13
C MET A 215 25.39 15.04 -9.00
N THR A 216 26.20 14.32 -9.77
CA THR A 216 27.68 14.53 -9.81
C THR A 216 27.96 15.94 -10.32
N ALA A 217 27.28 16.32 -11.39
CA ALA A 217 27.50 17.58 -12.11
C ALA A 217 27.25 18.76 -11.18
N CYS A 218 26.20 18.72 -10.36
N CYS A 218 26.23 18.69 -10.31
CA CYS A 218 25.77 19.85 -9.49
CA CYS A 218 25.82 19.85 -9.46
C CYS A 218 26.25 19.64 -8.04
C CYS A 218 26.33 19.70 -8.03
N GLN A 219 27.17 18.71 -7.81
CA GLN A 219 27.78 18.49 -6.46
C GLN A 219 28.49 19.78 -6.03
#